data_9J7Y
#
_entry.id   9J7Y
#
_cell.length_a   61.270
_cell.length_b   61.270
_cell.length_c   167.499
_cell.angle_alpha   90.00
_cell.angle_beta   90.00
_cell.angle_gamma   120.00
#
_symmetry.space_group_name_H-M   'P 61'
#
loop_
_entity.id
_entity.type
_entity.pdbx_description
1 polymer 'Entry-fusion complex associated protein OPG095'
2 polymer 'nanobody M1R-01'
#
loop_
_entity_poly.entity_id
_entity_poly.type
_entity_poly.pdbx_seq_one_letter_code
_entity_poly.pdbx_strand_id
1 'polypeptide(L)'
;MDMGAAASIQTTVNTLSERISSKLEQEANASAQTKCDIEIGNFYIRQNHGCNITVKNMCSADADAQLDAVLSAATETYSG
LTPEQKAYVPAMFTAALNIQTSVNTVVRDFENYVKQTCNSSAVVDNKLKIQNVIIDECYGAPGSPTNLEFINTGSSKGNC
AIKALMQLTTKATTQIAPRQVAGLEHHHHHH
;
G
2 'polypeptide(L)'
;QVQLVESGGGLVQAGGSLRLSCAASGFIFHNFDMGWYRQAPGKEREFVAAISDNGRSTYYADSVKGRFTISRDNAKNTVY
LQMNSLKPEDTAVYYCAVAWLSIPDLAEWYDYWGQGTQVTVSS
;
H
#
# COMPACT_ATOMS: atom_id res chain seq x y z
N GLY A 4 -24.89 -19.43 8.05
CA GLY A 4 -23.75 -20.32 7.92
C GLY A 4 -22.88 -19.91 6.75
N ALA A 5 -23.42 -18.96 5.98
CA ALA A 5 -22.70 -18.41 4.84
C ALA A 5 -21.55 -17.53 5.31
N ALA A 6 -21.83 -16.62 6.26
CA ALA A 6 -20.77 -15.79 6.85
C ALA A 6 -19.65 -16.65 7.42
N ALA A 7 -20.02 -17.66 8.22
CA ALA A 7 -19.04 -18.45 8.93
C ALA A 7 -18.01 -19.08 7.99
N SER A 8 -18.45 -19.45 6.79
CA SER A 8 -17.50 -20.00 5.80
C SER A 8 -16.39 -18.97 5.57
N ILE A 9 -16.75 -17.72 5.35
CA ILE A 9 -15.75 -16.66 5.07
C ILE A 9 -14.95 -16.41 6.35
N GLN A 10 -15.63 -16.15 7.46
CA GLN A 10 -14.88 -15.76 8.68
C GLN A 10 -13.84 -16.83 8.98
N THR A 11 -14.25 -18.08 8.89
CA THR A 11 -13.30 -19.18 9.10
C THR A 11 -12.18 -19.07 8.09
N THR A 12 -12.52 -18.80 6.83
CA THR A 12 -11.50 -18.64 5.78
C THR A 12 -10.51 -17.56 6.19
N VAL A 13 -10.97 -16.49 6.81
CA VAL A 13 -10.08 -15.33 7.14
C VAL A 13 -9.17 -15.71 8.32
N ASN A 14 -9.70 -16.46 9.28
CA ASN A 14 -8.91 -16.89 10.46
C ASN A 14 -7.96 -18.01 10.01
N THR A 15 -8.38 -18.84 9.06
CA THR A 15 -7.47 -19.85 8.52
C THR A 15 -6.38 -19.12 7.80
N LEU A 16 -6.73 -18.09 7.06
CA LEU A 16 -5.76 -17.30 6.30
C LEU A 16 -4.73 -16.68 7.23
N SER A 17 -5.19 -16.05 8.31
CA SER A 17 -4.26 -15.39 9.23
C SER A 17 -3.29 -16.38 9.85
N GLU A 18 -3.81 -17.54 10.29
CA GLU A 18 -2.96 -18.61 10.80
C GLU A 18 -1.90 -18.99 9.77
N ARG A 19 -2.34 -19.29 8.54
CA ARG A 19 -1.37 -19.70 7.55
C ARG A 19 -0.34 -18.61 7.29
N ILE A 20 -0.69 -17.32 7.44
CA ILE A 20 0.30 -16.26 7.20
C ILE A 20 1.31 -16.21 8.34
N SER A 21 0.84 -16.05 9.58
CA SER A 21 1.77 -15.98 10.71
C SER A 21 2.56 -17.26 10.86
N SER A 22 2.13 -18.36 10.24
CA SER A 22 2.94 -19.59 10.29
C SER A 22 3.93 -19.61 9.13
N LYS A 23 3.43 -19.48 7.91
CA LYS A 23 4.29 -19.58 6.72
C LYS A 23 5.37 -18.49 6.78
N LEU A 24 5.26 -17.59 7.76
CA LEU A 24 6.22 -16.46 7.83
C LEU A 24 7.40 -16.88 8.70
N GLU A 25 7.15 -17.71 9.70
CA GLU A 25 8.23 -18.16 10.61
C GLU A 25 8.82 -19.46 10.05
N GLN A 26 8.00 -20.22 9.35
CA GLN A 26 8.46 -21.50 8.74
C GLN A 26 9.23 -21.24 7.44
N GLU A 27 8.76 -20.30 6.62
CA GLU A 27 9.36 -20.09 5.27
C GLU A 27 10.10 -18.75 5.26
N ALA A 28 10.21 -18.09 6.41
CA ALA A 28 11.05 -16.89 6.54
C ALA A 28 11.55 -16.93 7.97
N ASN A 29 12.62 -16.24 8.33
CA ASN A 29 13.06 -16.36 9.73
C ASN A 29 12.28 -15.33 10.54
N ALA A 30 10.94 -15.45 10.59
CA ALA A 30 10.10 -14.43 11.25
C ALA A 30 9.73 -14.81 12.68
N SER A 31 9.74 -13.84 13.57
CA SER A 31 9.47 -14.10 15.00
C SER A 31 8.72 -12.91 15.61
N ALA A 32 7.83 -13.18 16.57
CA ALA A 32 7.02 -12.12 17.19
C ALA A 32 7.91 -11.09 17.87
N GLN A 33 9.19 -11.42 18.01
CA GLN A 33 10.10 -10.51 18.76
C GLN A 33 11.18 -9.99 17.79
N THR A 34 11.13 -10.42 16.52
CA THR A 34 12.09 -9.86 15.56
C THR A 34 11.80 -8.39 15.41
N LYS A 35 12.81 -7.63 15.03
CA LYS A 35 12.63 -6.17 14.81
C LYS A 35 11.97 -5.95 13.46
N CYS A 36 11.15 -4.91 13.37
CA CYS A 36 10.42 -4.62 12.12
C CYS A 36 11.05 -3.41 11.43
N ASP A 37 11.63 -3.63 10.25
CA ASP A 37 12.20 -2.50 9.48
C ASP A 37 11.17 -1.37 9.43
N ILE A 38 9.92 -1.69 9.10
CA ILE A 38 8.83 -0.67 9.09
C ILE A 38 7.74 -1.15 10.03
N GLU A 39 7.42 -0.37 11.07
CA GLU A 39 6.31 -0.70 11.95
C GLU A 39 5.00 -0.21 11.33
N ILE A 40 3.88 -0.64 11.92
CA ILE A 40 2.55 -0.29 11.43
C ILE A 40 1.89 0.55 12.51
N GLY A 41 1.86 1.86 12.31
CA GLY A 41 1.40 2.76 13.37
C GLY A 41 -0.09 2.66 13.65
N ASN A 42 -0.91 2.65 12.60
CA ASN A 42 -2.36 2.77 12.73
C ASN A 42 -3.04 1.90 11.69
N PHE A 43 -4.21 1.37 12.05
CA PHE A 43 -5.03 0.60 11.13
C PHE A 43 -6.47 1.12 11.19
N TYR A 44 -6.86 1.91 10.19
CA TYR A 44 -8.22 2.42 10.08
C TYR A 44 -8.98 1.65 9.00
N ILE A 45 -10.30 1.56 9.17
CA ILE A 45 -11.21 1.14 8.11
C ILE A 45 -12.17 2.29 7.86
N ARG A 46 -12.41 2.61 6.58
CA ARG A 46 -13.22 3.78 6.29
C ARG A 46 -14.66 3.58 6.76
N GLN A 47 -15.27 2.47 6.33
CA GLN A 47 -16.62 2.00 6.73
C GLN A 47 -16.48 0.65 7.46
N ASN A 48 -16.31 0.71 8.78
CA ASN A 48 -16.05 -0.47 9.60
C ASN A 48 -17.39 -0.92 10.19
N HIS A 49 -18.04 -1.88 9.54
CA HIS A 49 -19.29 -2.44 10.04
C HIS A 49 -19.09 -3.82 10.65
N GLY A 50 -18.16 -3.95 11.60
CA GLY A 50 -18.04 -5.14 12.43
C GLY A 50 -16.81 -6.00 12.20
N CYS A 51 -15.66 -5.36 12.04
CA CYS A 51 -14.39 -6.00 11.70
C CYS A 51 -13.38 -5.64 12.78
N ASN A 52 -13.08 -6.56 13.68
CA ASN A 52 -12.05 -6.23 14.70
C ASN A 52 -10.70 -6.10 14.00
N ILE A 53 -10.01 -5.00 14.22
CA ILE A 53 -8.73 -4.75 13.51
C ILE A 53 -7.58 -4.95 14.51
N THR A 54 -6.63 -5.80 14.16
CA THR A 54 -5.47 -6.06 15.03
C THR A 54 -4.21 -6.08 14.19
N VAL A 55 -3.09 -5.64 14.76
CA VAL A 55 -1.79 -5.61 14.08
C VAL A 55 -0.77 -6.43 14.86
N LYS A 56 -0.48 -7.63 14.35
CA LYS A 56 0.57 -8.49 14.87
C LYS A 56 1.83 -8.30 14.02
N ASN A 57 2.93 -7.93 14.68
CA ASN A 57 4.23 -7.86 13.99
C ASN A 57 4.86 -9.26 14.01
N MET A 58 5.09 -9.85 12.84
CA MET A 58 5.77 -11.13 12.69
C MET A 58 6.91 -10.91 11.71
N CYS A 59 7.78 -9.98 12.05
CA CYS A 59 8.78 -9.46 11.08
C CYS A 59 10.01 -10.35 10.87
N SER A 60 10.66 -10.17 9.72
CA SER A 60 11.89 -10.93 9.39
C SER A 60 12.86 -9.95 8.72
N ALA A 61 13.55 -10.37 7.66
CA ALA A 61 14.47 -9.48 6.91
C ALA A 61 14.47 -9.87 5.43
N ASP A 62 14.23 -11.14 5.13
CA ASP A 62 14.14 -11.58 3.72
C ASP A 62 12.72 -11.29 3.21
N ALA A 63 12.56 -10.20 2.46
CA ALA A 63 11.25 -9.79 1.94
C ALA A 63 10.75 -10.75 0.87
N ASP A 64 11.64 -11.23 0.00
CA ASP A 64 11.19 -12.10 -1.11
C ASP A 64 10.56 -13.34 -0.52
N ALA A 65 11.16 -13.85 0.55
CA ALA A 65 10.62 -15.03 1.25
C ALA A 65 9.32 -14.63 1.92
N GLN A 66 9.36 -13.48 2.58
CA GLN A 66 8.12 -12.95 3.18
C GLN A 66 7.06 -12.99 2.08
N LEU A 67 7.43 -12.60 0.85
CA LEU A 67 6.44 -12.51 -0.24
C LEU A 67 6.03 -13.91 -0.71
N ASP A 68 6.97 -14.73 -1.19
CA ASP A 68 6.42 -15.99 -1.70
C ASP A 68 5.89 -16.86 -0.57
N ALA A 69 6.20 -16.53 0.69
CA ALA A 69 5.56 -17.21 1.81
C ALA A 69 4.09 -16.80 1.97
N VAL A 70 3.80 -15.50 1.86
CA VAL A 70 2.39 -15.11 1.96
C VAL A 70 1.62 -15.56 0.72
N LEU A 71 2.26 -15.52 -0.46
CA LEU A 71 1.71 -16.22 -1.61
C LEU A 71 1.30 -17.65 -1.23
N SER A 72 2.21 -18.33 -0.53
CA SER A 72 1.93 -19.73 -0.12
C SER A 72 0.66 -19.73 0.71
N ALA A 73 0.57 -18.91 1.75
CA ALA A 73 -0.62 -19.01 2.61
C ALA A 73 -1.89 -18.86 1.77
N ALA A 74 -1.90 -17.93 0.82
CA ALA A 74 -3.15 -17.67 0.06
C ALA A 74 -3.53 -18.86 -0.81
N THR A 75 -2.60 -19.37 -1.63
CA THR A 75 -2.92 -20.49 -2.53
C THR A 75 -3.37 -21.65 -1.68
N GLU A 76 -2.78 -21.79 -0.49
CA GLU A 76 -3.17 -22.86 0.44
C GLU A 76 -4.62 -22.65 0.89
N THR A 77 -4.92 -21.50 1.47
CA THR A 77 -6.28 -21.26 2.02
C THR A 77 -7.30 -21.28 0.88
N TYR A 78 -6.84 -21.16 -0.36
CA TYR A 78 -7.75 -21.15 -1.53
C TYR A 78 -8.23 -22.55 -1.85
N SER A 79 -7.30 -23.48 -2.10
CA SER A 79 -7.75 -24.82 -2.55
C SER A 79 -8.33 -25.63 -1.38
N GLY A 80 -7.94 -25.32 -0.14
CA GLY A 80 -8.52 -25.99 1.03
C GLY A 80 -9.96 -25.57 1.24
N LEU A 81 -10.41 -24.65 0.40
CA LEU A 81 -11.82 -24.19 0.46
C LEU A 81 -12.64 -25.12 -0.42
N THR A 82 -13.96 -25.02 -0.33
CA THR A 82 -14.81 -25.81 -1.24
C THR A 82 -14.71 -25.17 -2.61
N PRO A 83 -14.79 -25.95 -3.70
CA PRO A 83 -14.82 -25.37 -5.04
C PRO A 83 -16.14 -24.68 -5.27
N GLU A 84 -17.06 -24.84 -4.32
CA GLU A 84 -18.34 -24.10 -4.39
C GLU A 84 -18.08 -22.76 -3.72
N GLN A 85 -16.99 -22.67 -2.95
CA GLN A 85 -16.61 -21.40 -2.31
C GLN A 85 -15.50 -20.76 -3.15
N LYS A 86 -14.55 -21.57 -3.62
CA LYS A 86 -13.45 -21.06 -4.47
C LYS A 86 -14.10 -20.43 -5.72
N ALA A 87 -15.37 -20.72 -5.94
CA ALA A 87 -16.12 -20.15 -7.09
C ALA A 87 -16.44 -18.69 -6.83
N TYR A 88 -16.33 -18.23 -5.57
CA TYR A 88 -16.73 -16.85 -5.23
C TYR A 88 -15.53 -15.89 -5.31
N VAL A 89 -14.31 -16.44 -5.39
CA VAL A 89 -13.08 -15.61 -5.40
C VAL A 89 -12.98 -14.75 -6.69
N PRO A 90 -13.32 -15.23 -7.90
CA PRO A 90 -13.12 -14.43 -9.09
C PRO A 90 -13.73 -13.04 -9.00
N ALA A 91 -14.92 -12.94 -8.42
CA ALA A 91 -15.59 -11.64 -8.25
C ALA A 91 -14.76 -10.77 -7.31
N MET A 92 -14.36 -11.33 -6.16
CA MET A 92 -13.56 -10.57 -5.16
C MET A 92 -12.26 -10.10 -5.81
N PHE A 93 -11.84 -10.72 -6.90
CA PHE A 93 -10.66 -10.22 -7.61
C PHE A 93 -11.00 -8.95 -8.37
N THR A 94 -12.02 -9.01 -9.23
CA THR A 94 -12.42 -7.82 -9.94
C THR A 94 -12.92 -6.76 -8.98
N ALA A 95 -13.59 -7.18 -7.89
CA ALA A 95 -14.15 -6.22 -6.95
C ALA A 95 -13.04 -5.48 -6.20
N ALA A 96 -12.00 -6.19 -5.81
CA ALA A 96 -10.90 -5.59 -5.07
C ALA A 96 -9.81 -5.05 -5.97
N LEU A 97 -9.47 -5.76 -7.03
CA LEU A 97 -8.26 -5.36 -7.79
C LEU A 97 -8.53 -5.10 -9.28
N ASN A 98 -9.78 -4.84 -9.64
CA ASN A 98 -10.15 -4.51 -11.05
C ASN A 98 -9.32 -5.36 -12.01
N ILE A 99 -9.34 -6.69 -11.82
CA ILE A 99 -8.50 -7.59 -12.64
C ILE A 99 -9.30 -8.82 -13.09
N GLN A 100 -8.93 -9.44 -14.22
CA GLN A 100 -9.62 -10.62 -14.78
C GLN A 100 -10.02 -11.63 -13.70
N THR A 101 -11.09 -12.39 -13.93
CA THR A 101 -11.60 -13.31 -12.90
C THR A 101 -11.01 -14.70 -13.04
N SER A 102 -11.86 -15.70 -13.27
CA SER A 102 -11.46 -17.13 -13.42
C SER A 102 -11.41 -17.83 -12.06
N VAL A 103 -11.86 -19.08 -12.01
CA VAL A 103 -11.85 -19.86 -10.73
C VAL A 103 -10.76 -20.94 -10.84
N ASN A 104 -10.12 -21.09 -12.00
CA ASN A 104 -9.10 -22.17 -12.17
C ASN A 104 -7.72 -21.60 -12.51
N THR A 105 -7.60 -20.29 -12.73
CA THR A 105 -6.30 -19.66 -13.04
C THR A 105 -6.02 -18.50 -12.11
N VAL A 106 -6.85 -18.34 -11.06
CA VAL A 106 -6.78 -17.19 -10.10
C VAL A 106 -5.54 -17.25 -9.20
N VAL A 107 -5.08 -18.42 -8.81
CA VAL A 107 -3.82 -18.42 -8.02
C VAL A 107 -2.76 -17.72 -8.86
N ARG A 108 -2.79 -17.90 -10.18
CA ARG A 108 -1.71 -17.36 -11.03
C ARG A 108 -1.96 -15.88 -11.29
N ASP A 109 -3.20 -15.45 -11.11
CA ASP A 109 -3.56 -14.03 -11.32
C ASP A 109 -3.04 -13.21 -10.13
N PHE A 110 -3.22 -13.71 -8.92
CA PHE A 110 -2.70 -12.99 -7.72
C PHE A 110 -1.18 -12.98 -7.80
N GLU A 111 -0.60 -14.09 -8.24
CA GLU A 111 0.87 -14.21 -8.29
C GLU A 111 1.40 -13.11 -9.22
N ASN A 112 0.86 -13.03 -10.43
CA ASN A 112 1.39 -12.04 -11.41
C ASN A 112 1.27 -10.64 -10.83
N TYR A 113 0.17 -10.35 -10.13
CA TYR A 113 -0.06 -8.99 -9.58
C TYR A 113 0.99 -8.68 -8.55
N VAL A 114 1.08 -9.50 -7.53
CA VAL A 114 1.97 -9.15 -6.39
C VAL A 114 3.44 -9.21 -6.84
N LYS A 115 3.74 -10.11 -7.76
CA LYS A 115 5.12 -10.21 -8.28
C LYS A 115 5.44 -8.96 -9.10
N GLN A 116 4.41 -8.20 -9.49
CA GLN A 116 4.62 -7.00 -10.34
C GLN A 116 4.34 -5.71 -9.55
N THR A 117 3.46 -5.78 -8.57
CA THR A 117 3.09 -4.57 -7.80
C THR A 117 3.99 -4.48 -6.61
N CYS A 118 4.08 -5.57 -5.86
CA CYS A 118 4.86 -5.51 -4.60
C CYS A 118 6.33 -5.43 -4.96
N ASN A 119 6.62 -5.59 -6.24
CA ASN A 119 8.02 -5.56 -6.73
C ASN A 119 8.27 -4.18 -7.35
N SER A 120 7.25 -3.33 -7.35
CA SER A 120 7.38 -1.96 -7.90
C SER A 120 8.25 -1.10 -6.99
N SER A 121 9.06 -0.25 -7.58
CA SER A 121 9.94 0.65 -6.79
C SER A 121 9.11 1.50 -5.85
N ALA A 122 8.09 2.17 -6.38
CA ALA A 122 7.28 3.08 -5.56
C ALA A 122 6.82 2.35 -4.30
N VAL A 123 6.70 1.03 -4.39
CA VAL A 123 6.28 0.20 -3.23
C VAL A 123 7.51 -0.28 -2.45
N VAL A 124 8.45 -0.95 -3.13
CA VAL A 124 9.63 -1.58 -2.46
C VAL A 124 10.57 -0.51 -1.91
N ASP A 125 10.52 0.70 -2.44
CA ASP A 125 11.50 1.71 -2.05
C ASP A 125 10.94 2.71 -1.05
N ASN A 126 9.64 2.65 -0.75
CA ASN A 126 9.06 3.48 0.32
C ASN A 126 9.33 2.78 1.64
N LYS A 127 10.12 3.42 2.51
CA LYS A 127 10.51 2.73 3.78
C LYS A 127 10.17 3.60 5.01
N LEU A 128 9.10 4.38 4.94
CA LEU A 128 8.68 5.20 6.10
C LEU A 128 8.58 4.28 7.31
N LYS A 129 9.38 4.53 8.35
CA LYS A 129 9.45 3.60 9.52
C LYS A 129 8.07 3.46 10.17
N ILE A 130 7.27 4.53 10.19
CA ILE A 130 5.88 4.40 10.71
C ILE A 130 4.92 4.61 9.53
N GLN A 131 4.32 3.52 9.07
CA GLN A 131 3.37 3.58 7.94
C GLN A 131 1.98 3.18 8.47
N ASN A 132 0.94 3.84 7.96
CA ASN A 132 -0.42 3.41 8.38
C ASN A 132 -1.05 2.54 7.30
N VAL A 133 -2.12 1.81 7.63
CA VAL A 133 -2.79 0.95 6.67
C VAL A 133 -4.27 1.30 6.74
N ILE A 134 -4.88 1.47 5.57
CA ILE A 134 -6.31 1.92 5.54
C ILE A 134 -7.06 1.10 4.48
N ILE A 135 -8.19 0.57 4.90
CA ILE A 135 -9.05 -0.21 3.96
C ILE A 135 -10.37 0.54 3.86
N ASP A 136 -11.09 0.32 2.77
CA ASP A 136 -12.34 1.07 2.49
C ASP A 136 -13.50 0.56 3.34
N GLU A 137 -13.96 -0.65 3.08
CA GLU A 137 -15.14 -1.19 3.77
C GLU A 137 -14.79 -2.56 4.34
N CYS A 138 -15.34 -2.87 5.50
CA CYS A 138 -15.18 -4.21 6.05
C CYS A 138 -16.36 -4.53 6.93
N TYR A 139 -16.87 -5.76 6.84
CA TYR A 139 -18.18 -6.09 7.39
C TYR A 139 -18.11 -7.26 8.39
N GLY A 140 -19.21 -7.46 9.12
CA GLY A 140 -19.26 -8.51 10.11
C GLY A 140 -20.63 -9.14 10.17
N ALA A 141 -20.65 -10.40 10.61
CA ALA A 141 -21.90 -11.08 10.87
C ALA A 141 -22.64 -10.39 12.01
N PRO A 142 -23.98 -10.32 11.94
CA PRO A 142 -24.75 -9.53 12.93
C PRO A 142 -24.42 -9.86 14.38
N GLY A 143 -24.34 -11.13 14.72
CA GLY A 143 -23.81 -11.34 16.05
C GLY A 143 -22.29 -11.43 16.16
N SER A 144 -21.58 -11.58 15.02
CA SER A 144 -20.20 -12.07 14.97
C SER A 144 -19.25 -11.13 14.24
N PRO A 145 -18.18 -10.62 14.90
CA PRO A 145 -17.23 -9.80 14.19
C PRO A 145 -16.28 -10.55 13.29
N THR A 146 -15.94 -9.94 12.15
CA THR A 146 -14.88 -10.55 11.33
C THR A 146 -13.60 -10.12 11.99
N ASN A 147 -12.70 -11.04 12.25
CA ASN A 147 -11.48 -10.67 13.01
C ASN A 147 -10.30 -10.62 12.03
N LEU A 148 -9.87 -9.42 11.67
CA LEU A 148 -8.77 -9.25 10.71
C LEU A 148 -7.49 -8.85 11.46
N GLU A 149 -6.45 -9.65 11.27
CA GLU A 149 -5.14 -9.31 11.86
C GLU A 149 -4.26 -8.81 10.72
N PHE A 150 -3.76 -7.58 10.84
CA PHE A 150 -2.77 -7.14 9.85
C PHE A 150 -1.44 -7.59 10.40
N ILE A 151 -1.01 -8.78 10.00
CA ILE A 151 0.33 -9.23 10.35
C ILE A 151 1.37 -8.34 9.72
N ASN A 152 2.38 -7.95 10.50
CA ASN A 152 3.43 -7.07 9.99
C ASN A 152 4.66 -7.89 9.62
N THR A 153 5.30 -7.50 8.52
CA THR A 153 6.55 -8.13 8.08
C THR A 153 7.76 -7.25 8.29
N GLY A 154 7.59 -5.92 8.23
CA GLY A 154 8.70 -5.00 8.39
C GLY A 154 9.19 -4.42 7.08
N SER A 155 9.25 -5.25 6.05
CA SER A 155 9.72 -4.79 4.75
C SER A 155 8.52 -4.35 3.93
N SER A 156 8.68 -3.22 3.24
CA SER A 156 7.60 -2.66 2.43
C SER A 156 7.03 -3.68 1.45
N LYS A 157 7.90 -4.51 0.88
CA LYS A 157 7.45 -5.57 -0.02
C LYS A 157 6.45 -6.51 0.65
N GLY A 158 6.84 -7.04 1.80
CA GLY A 158 6.00 -7.97 2.53
C GLY A 158 4.65 -7.37 2.84
N ASN A 159 4.67 -6.18 3.48
CA ASN A 159 3.42 -5.56 3.88
C ASN A 159 2.55 -5.24 2.66
N CYS A 160 3.16 -5.01 1.50
CA CYS A 160 2.40 -4.91 0.25
C CYS A 160 1.58 -6.17 0.01
N ALA A 161 2.23 -7.32 -0.04
CA ALA A 161 1.46 -8.55 -0.29
C ALA A 161 0.35 -8.75 0.73
N ILE A 162 0.66 -8.51 2.02
CA ILE A 162 -0.37 -8.56 3.08
C ILE A 162 -1.58 -7.72 2.70
N LYS A 163 -1.38 -6.53 2.16
CA LYS A 163 -2.52 -5.61 1.89
C LYS A 163 -3.35 -6.08 0.69
N ALA A 164 -2.71 -6.62 -0.32
CA ALA A 164 -3.48 -7.17 -1.46
C ALA A 164 -4.46 -8.21 -0.94
N LEU A 165 -3.96 -9.12 -0.11
CA LEU A 165 -4.82 -10.17 0.47
C LEU A 165 -5.92 -9.51 1.29
N MET A 166 -5.58 -8.49 2.08
CA MET A 166 -6.58 -7.80 2.91
C MET A 166 -7.64 -7.22 1.97
N GLN A 167 -7.23 -6.76 0.79
CA GLN A 167 -8.30 -6.37 -0.11
C GLN A 167 -9.16 -7.57 -0.41
N LEU A 168 -8.55 -8.66 -0.85
CA LEU A 168 -9.37 -9.81 -1.29
C LEU A 168 -10.19 -10.32 -0.11
N THR A 169 -9.67 -10.14 1.11
CA THR A 169 -10.36 -10.63 2.32
C THR A 169 -11.48 -9.67 2.75
N THR A 170 -11.24 -8.36 2.68
CA THR A 170 -12.26 -7.35 3.03
C THR A 170 -13.25 -7.20 1.89
N LYS A 171 -12.95 -7.74 0.71
CA LYS A 171 -13.85 -7.66 -0.46
C LYS A 171 -14.78 -8.87 -0.47
N ALA A 172 -14.50 -9.84 0.37
CA ALA A 172 -15.39 -11.00 0.53
C ALA A 172 -16.39 -10.67 1.62
N THR A 173 -15.94 -9.97 2.66
CA THR A 173 -16.81 -9.68 3.83
C THR A 173 -18.07 -8.99 3.36
N THR A 174 -18.04 -8.43 2.16
CA THR A 174 -19.28 -7.87 1.57
C THR A 174 -20.33 -8.98 1.64
N GLN A 175 -19.94 -10.23 1.41
CA GLN A 175 -20.84 -11.41 1.46
C GLN A 175 -21.72 -11.36 0.21
N GLN B 1 -14.55 12.37 -5.93
CA GLN B 1 -14.77 13.36 -4.85
C GLN B 1 -13.43 13.58 -4.15
N VAL B 2 -12.58 12.56 -4.15
CA VAL B 2 -11.21 12.77 -3.61
C VAL B 2 -10.39 13.41 -4.75
N GLN B 3 -9.90 14.61 -4.53
CA GLN B 3 -9.05 15.27 -5.52
C GLN B 3 -7.74 15.73 -4.90
N LEU B 4 -6.62 15.21 -5.41
CA LEU B 4 -5.32 15.78 -5.16
C LEU B 4 -4.94 16.61 -6.37
N VAL B 5 -4.24 17.72 -6.13
CA VAL B 5 -3.88 18.66 -7.19
C VAL B 5 -2.46 19.12 -6.93
N GLU B 6 -1.59 19.01 -7.95
CA GLU B 6 -0.16 19.27 -7.80
C GLU B 6 0.25 20.49 -8.63
N SER B 7 0.95 21.43 -8.00
CA SER B 7 1.36 22.62 -8.73
C SER B 7 2.70 23.07 -8.19
N GLY B 8 3.35 23.96 -8.93
CA GLY B 8 4.62 24.53 -8.53
C GLY B 8 5.77 24.28 -9.49
N GLY B 9 5.59 23.40 -10.51
CA GLY B 9 6.68 23.01 -11.38
C GLY B 9 6.89 23.92 -12.59
N GLY B 10 7.99 23.66 -13.31
CA GLY B 10 8.41 24.43 -14.47
C GLY B 10 9.84 24.21 -14.96
N LEU B 11 10.49 25.31 -15.35
CA LEU B 11 11.88 25.21 -15.86
C LEU B 11 12.80 25.96 -14.91
N VAL B 12 13.85 25.30 -14.47
CA VAL B 12 14.84 25.93 -13.56
C VAL B 12 16.20 25.39 -13.98
N GLN B 13 17.22 26.25 -14.01
CA GLN B 13 18.55 25.81 -14.48
C GLN B 13 19.16 24.88 -13.43
N ALA B 14 19.94 23.89 -13.87
CA ALA B 14 20.52 22.87 -12.97
C ALA B 14 21.21 23.52 -11.78
N GLY B 15 21.09 22.89 -10.60
CA GLY B 15 21.66 23.48 -9.39
C GLY B 15 20.70 24.50 -8.84
N GLY B 16 19.45 24.47 -9.31
CA GLY B 16 18.44 25.44 -8.87
C GLY B 16 17.52 24.87 -7.83
N SER B 17 16.45 25.59 -7.49
CA SER B 17 15.55 25.14 -6.41
C SER B 17 14.09 25.37 -6.79
N LEU B 18 13.19 24.44 -6.44
CA LEU B 18 11.78 24.63 -6.70
C LEU B 18 10.96 24.09 -5.55
N ARG B 19 9.89 24.78 -5.20
CA ARG B 19 9.01 24.30 -4.15
C ARG B 19 7.76 23.75 -4.81
N LEU B 20 7.48 22.47 -4.59
CA LEU B 20 6.33 21.79 -5.16
C LEU B 20 5.26 21.64 -4.12
N SER B 21 4.02 21.93 -4.53
CA SER B 21 2.87 21.87 -3.62
C SER B 21 1.84 20.85 -4.10
N CYS B 22 1.03 20.33 -3.19
CA CYS B 22 -0.03 19.36 -3.53
C CYS B 22 -1.26 19.69 -2.68
N ALA B 23 -2.29 20.28 -3.28
CA ALA B 23 -3.54 20.58 -2.56
C ALA B 23 -4.37 19.32 -2.43
N ALA B 24 -4.88 19.08 -1.21
CA ALA B 24 -5.67 17.85 -0.95
C ALA B 24 -7.13 18.18 -0.62
N SER B 25 -8.07 17.50 -1.27
CA SER B 25 -9.47 17.65 -0.95
C SER B 25 -10.12 16.31 -1.12
N GLY B 26 -11.22 16.05 -0.40
CA GLY B 26 -11.99 14.82 -0.60
C GLY B 26 -11.92 13.83 0.53
N PHE B 27 -11.07 14.08 1.52
CA PHE B 27 -10.86 13.09 2.59
C PHE B 27 -10.24 13.72 3.80
N ILE B 28 -10.15 12.95 4.89
CA ILE B 28 -9.45 13.44 6.11
C ILE B 28 -7.94 13.27 5.86
N PHE B 29 -7.26 14.32 5.44
CA PHE B 29 -5.84 14.25 5.04
C PHE B 29 -4.93 13.99 6.22
N HIS B 30 -5.20 14.64 7.35
CA HIS B 30 -4.33 14.52 8.53
C HIS B 30 -4.17 13.03 8.86
N ASN B 31 -5.12 12.24 8.37
CA ASN B 31 -5.03 10.80 8.62
C ASN B 31 -4.10 10.07 7.69
N PHE B 32 -3.50 10.73 6.70
CA PHE B 32 -2.95 10.00 5.56
C PHE B 32 -1.47 10.26 5.42
N ASP B 33 -0.69 9.17 5.50
CA ASP B 33 0.70 9.20 5.02
C ASP B 33 0.68 9.49 3.53
N MET B 34 1.55 10.40 3.07
CA MET B 34 1.56 10.79 1.66
C MET B 34 2.96 10.75 1.09
N GLY B 35 3.05 10.68 -0.23
CA GLY B 35 4.32 10.51 -0.88
C GLY B 35 4.40 11.40 -2.10
N TRP B 36 5.64 11.77 -2.44
CA TRP B 36 5.92 12.28 -3.76
C TRP B 36 6.59 11.14 -4.51
N TYR B 37 6.14 10.94 -5.74
CA TYR B 37 6.68 9.99 -6.72
C TYR B 37 6.88 10.75 -8.03
N ARG B 38 7.69 10.19 -8.95
CA ARG B 38 7.85 10.83 -10.27
C ARG B 38 7.97 9.78 -11.36
N GLN B 39 7.57 10.17 -12.58
CA GLN B 39 7.69 9.28 -13.76
C GLN B 39 8.27 10.12 -14.91
N ALA B 40 9.41 9.67 -15.44
CA ALA B 40 10.09 10.41 -16.53
C ALA B 40 9.75 9.75 -17.87
N PRO B 41 10.09 10.36 -19.01
CA PRO B 41 9.81 9.71 -20.27
C PRO B 41 10.60 8.42 -20.44
N GLY B 42 9.90 7.29 -20.44
CA GLY B 42 10.56 5.99 -20.70
C GLY B 42 10.78 5.20 -19.44
N LYS B 43 11.13 5.88 -18.35
CA LYS B 43 11.31 5.20 -17.05
C LYS B 43 9.93 5.00 -16.41
N GLU B 44 9.85 3.95 -15.58
CA GLU B 44 8.61 3.70 -14.83
C GLU B 44 8.59 4.65 -13.63
N ARG B 45 7.47 4.69 -12.91
CA ARG B 45 7.34 5.63 -11.78
C ARG B 45 8.47 5.33 -10.78
N GLU B 46 8.84 6.34 -10.00
CA GLU B 46 9.91 6.16 -8.97
C GLU B 46 9.50 6.82 -7.65
N PHE B 47 9.63 6.11 -6.54
CA PHE B 47 9.36 6.73 -5.22
C PHE B 47 10.39 7.84 -5.02
N VAL B 48 9.96 8.97 -4.48
CA VAL B 48 10.90 10.07 -4.19
C VAL B 48 10.88 10.40 -2.69
N ALA B 49 9.71 10.77 -2.16
CA ALA B 49 9.63 11.25 -0.77
C ALA B 49 8.44 10.66 -0.04
N ALA B 50 8.50 10.60 1.27
CA ALA B 50 7.36 10.07 2.04
C ALA B 50 7.20 10.81 3.35
N ILE B 51 5.98 11.27 3.60
CA ILE B 51 5.69 11.96 4.87
C ILE B 51 4.70 11.12 5.67
N SER B 52 4.87 11.10 6.98
CA SER B 52 3.89 10.44 7.85
C SER B 52 2.63 11.29 7.85
N ASP B 53 1.50 10.72 8.27
CA ASP B 53 0.24 11.49 8.40
C ASP B 53 0.54 12.79 9.13
N ASN B 54 1.07 12.68 10.34
CA ASN B 54 1.40 13.87 11.15
C ASN B 54 2.48 14.66 10.42
N GLY B 55 3.61 14.04 10.16
CA GLY B 55 4.73 14.75 9.54
C GLY B 55 5.97 14.51 10.34
N ARG B 56 5.89 13.60 11.32
CA ARG B 56 7.10 13.44 12.12
C ARG B 56 8.10 12.46 11.46
N SER B 57 7.62 11.50 10.67
CA SER B 57 8.49 10.56 9.97
C SER B 57 8.52 10.91 8.48
N THR B 58 9.72 10.89 7.91
CA THR B 58 9.86 11.08 6.48
C THR B 58 10.80 10.03 5.90
N TYR B 59 10.83 9.95 4.57
CA TYR B 59 11.72 8.98 3.88
C TYR B 59 12.01 9.54 2.49
N TYR B 60 13.22 9.27 1.99
CA TYR B 60 13.65 9.82 0.69
C TYR B 60 14.35 8.75 -0.11
N ALA B 61 14.17 8.79 -1.43
CA ALA B 61 14.87 7.85 -2.33
C ALA B 61 16.36 8.12 -2.22
N ASP B 62 17.18 7.14 -2.58
CA ASP B 62 18.64 7.29 -2.38
C ASP B 62 19.24 8.30 -3.37
N SER B 63 18.55 8.62 -4.46
CA SER B 63 19.11 9.50 -5.49
C SER B 63 18.60 10.94 -5.34
N VAL B 64 17.96 11.24 -4.22
CA VAL B 64 17.41 12.60 -3.97
C VAL B 64 17.68 12.96 -2.51
N LYS B 65 18.27 12.03 -1.77
CA LYS B 65 18.54 12.25 -0.34
C LYS B 65 19.48 13.45 -0.17
N GLY B 66 19.15 14.35 0.75
CA GLY B 66 19.99 15.54 0.98
C GLY B 66 19.51 16.70 0.16
N ARG B 67 19.07 16.45 -1.08
CA ARG B 67 18.68 17.56 -1.99
C ARG B 67 17.16 17.78 -1.94
N PHE B 68 16.40 16.77 -1.50
CA PHE B 68 14.91 16.88 -1.51
C PHE B 68 14.39 16.94 -0.09
N THR B 69 13.18 17.45 0.08
CA THR B 69 12.55 17.62 1.40
C THR B 69 11.03 17.59 1.27
N ILE B 70 10.41 16.59 1.89
CA ILE B 70 8.95 16.47 1.84
C ILE B 70 8.39 17.08 3.12
N SER B 71 7.14 17.54 3.06
CA SER B 71 6.56 18.26 4.20
C SER B 71 5.05 18.30 4.05
N ARG B 72 4.37 18.68 5.12
CA ARG B 72 2.92 18.90 5.01
C ARG B 72 2.43 20.03 5.91
N ASP B 73 1.32 20.61 5.46
CA ASP B 73 0.58 21.60 6.28
C ASP B 73 -0.79 20.95 6.52
N ASN B 74 -0.99 20.35 7.69
CA ASN B 74 -2.25 19.61 8.00
C ASN B 74 -3.40 20.61 8.18
N ALA B 75 -3.09 21.89 8.30
CA ALA B 75 -4.14 22.93 8.37
C ALA B 75 -4.61 23.29 6.96
N LYS B 76 -3.66 23.38 6.02
CA LYS B 76 -3.99 23.78 4.64
C LYS B 76 -4.22 22.53 3.78
N ASN B 77 -4.01 21.34 4.36
CA ASN B 77 -4.22 20.06 3.62
C ASN B 77 -3.32 20.07 2.39
N THR B 78 -2.03 20.19 2.63
CA THR B 78 -1.12 20.32 1.49
C THR B 78 0.24 19.68 1.77
N VAL B 79 0.86 19.11 0.74
CA VAL B 79 2.20 18.49 0.86
C VAL B 79 3.16 19.24 -0.06
N TYR B 80 4.36 19.53 0.44
CA TYR B 80 5.35 20.25 -0.33
C TYR B 80 6.56 19.36 -0.55
N LEU B 81 7.13 19.51 -1.74
CA LEU B 81 8.40 18.82 -2.04
C LEU B 81 9.39 19.95 -2.33
N GLN B 82 10.19 20.30 -1.33
CA GLN B 82 11.24 21.32 -1.53
C GLN B 82 12.37 20.66 -2.32
N MET B 83 12.62 21.16 -3.53
CA MET B 83 13.61 20.53 -4.44
C MET B 83 14.81 21.46 -4.65
N ASN B 84 15.99 21.07 -4.13
CA ASN B 84 17.20 21.93 -4.27
C ASN B 84 18.29 21.19 -5.05
N SER B 85 19.18 21.94 -5.71
CA SER B 85 20.33 21.32 -6.34
C SER B 85 19.86 20.38 -7.44
N LEU B 86 18.88 20.83 -8.20
CA LEU B 86 18.26 19.94 -9.20
C LEU B 86 19.29 19.53 -10.26
N LYS B 87 19.00 18.46 -10.97
CA LYS B 87 19.91 17.96 -12.03
C LYS B 87 19.04 17.63 -13.24
N PRO B 88 19.54 17.69 -14.49
CA PRO B 88 18.67 17.34 -15.60
C PRO B 88 18.05 15.95 -15.45
N GLU B 89 18.54 15.16 -14.50
CA GLU B 89 18.06 13.77 -14.28
C GLU B 89 16.83 13.79 -13.36
N ASP B 90 16.45 14.97 -12.90
CA ASP B 90 15.26 15.11 -12.02
C ASP B 90 14.09 15.54 -12.90
N THR B 91 14.37 15.87 -14.16
CA THR B 91 13.30 16.25 -15.11
C THR B 91 12.28 15.13 -15.18
N ALA B 92 11.01 15.44 -14.82
CA ALA B 92 9.95 14.39 -14.79
C ALA B 92 8.58 14.95 -14.44
N VAL B 93 7.58 14.08 -14.51
CA VAL B 93 6.22 14.48 -14.06
C VAL B 93 6.14 14.01 -12.61
N TYR B 94 5.83 14.92 -11.70
CA TYR B 94 5.85 14.68 -10.27
C TYR B 94 4.42 14.50 -9.76
N TYR B 95 4.22 13.54 -8.84
CA TYR B 95 2.91 13.12 -8.38
C TYR B 95 2.90 12.98 -6.86
N CYS B 96 2.06 13.74 -6.17
CA CYS B 96 1.76 13.42 -4.78
C CYS B 96 0.67 12.35 -4.79
N ALA B 97 0.92 11.25 -4.11
CA ALA B 97 -0.15 10.30 -3.97
C ALA B 97 -0.14 9.78 -2.55
N VAL B 98 -1.09 8.93 -2.26
CA VAL B 98 -1.19 8.32 -0.96
C VAL B 98 -0.16 7.19 -0.87
N ALA B 99 0.45 7.04 0.30
CA ALA B 99 1.35 5.90 0.52
C ALA B 99 0.53 4.63 0.25
N TRP B 100 1.13 3.64 -0.42
CA TRP B 100 0.34 2.46 -0.87
C TRP B 100 -0.40 1.74 0.26
N LEU B 101 0.29 1.38 1.35
CA LEU B 101 -0.38 0.60 2.43
C LEU B 101 -1.59 1.41 2.90
N SER B 102 -1.55 2.72 2.71
CA SER B 102 -2.61 3.61 3.20
C SER B 102 -3.60 3.98 2.08
N ILE B 103 -3.66 3.19 1.00
CA ILE B 103 -4.68 3.44 -0.05
C ILE B 103 -5.92 2.62 0.30
N PRO B 104 -7.12 3.23 0.30
CA PRO B 104 -8.32 2.53 0.71
C PRO B 104 -8.78 1.41 -0.21
N ASP B 105 -8.59 1.58 -1.51
CA ASP B 105 -9.07 0.59 -2.52
C ASP B 105 -8.05 0.46 -3.63
N LEU B 106 -7.51 -0.73 -3.86
CA LEU B 106 -6.43 -0.91 -4.87
C LEU B 106 -7.02 -1.00 -6.29
N ALA B 107 -8.34 -1.04 -6.40
CA ALA B 107 -9.01 -1.12 -7.72
C ALA B 107 -9.24 0.28 -8.27
N GLU B 108 -9.26 1.28 -7.39
CA GLU B 108 -9.41 2.70 -7.81
C GLU B 108 -8.20 3.50 -7.30
N TRP B 109 -7.01 2.90 -7.34
CA TRP B 109 -5.78 3.53 -6.81
C TRP B 109 -5.56 4.92 -7.41
N TYR B 110 -6.04 5.13 -8.63
CA TYR B 110 -5.81 6.40 -9.35
C TYR B 110 -6.44 7.55 -8.58
N ASP B 111 -7.54 7.28 -7.88
CA ASP B 111 -8.24 8.34 -7.10
C ASP B 111 -7.33 8.96 -6.04
N TYR B 112 -6.27 8.26 -5.67
CA TYR B 112 -5.35 8.74 -4.60
C TYR B 112 -4.08 9.19 -5.25
N TRP B 113 -4.11 9.29 -6.57
CA TRP B 113 -2.96 9.82 -7.33
C TRP B 113 -3.36 11.13 -8.00
N GLY B 114 -2.58 12.19 -7.82
CA GLY B 114 -2.78 13.43 -8.54
C GLY B 114 -2.42 13.26 -10.03
N GLN B 115 -2.65 14.33 -10.79
CA GLN B 115 -2.40 14.26 -12.22
C GLN B 115 -0.97 14.65 -12.58
N GLY B 116 -0.29 15.33 -11.67
CA GLY B 116 1.13 15.66 -11.90
C GLY B 116 1.44 17.11 -12.14
N THR B 117 2.69 17.48 -11.98
CA THR B 117 3.19 18.81 -12.37
C THR B 117 4.55 18.48 -12.94
N GLN B 118 4.98 19.19 -13.98
CA GLN B 118 6.23 18.76 -14.65
C GLN B 118 7.42 19.65 -14.26
N VAL B 119 8.62 19.07 -14.31
CA VAL B 119 9.83 19.81 -13.95
C VAL B 119 10.96 19.46 -14.93
N THR B 120 11.43 20.48 -15.66
CA THR B 120 12.48 20.35 -16.67
C THR B 120 13.65 21.17 -16.17
N VAL B 121 14.61 20.46 -15.56
CA VAL B 121 15.87 21.10 -15.08
C VAL B 121 16.85 21.00 -16.25
N SER B 122 17.35 22.14 -16.70
CA SER B 122 18.21 22.15 -17.91
C SER B 122 19.69 22.34 -17.56
N SER B 123 20.56 21.96 -18.49
CA SER B 123 22.01 22.19 -18.31
C SER B 123 22.25 23.60 -17.76
#